data_1TOB
#
_entry.id   1TOB
#
_cell.length_a   1.000
_cell.length_b   1.000
_cell.length_c   1.000
_cell.angle_alpha   90.00
_cell.angle_beta   90.00
_cell.angle_gamma   90.00
#
_symmetry.space_group_name_H-M   'P 1'
#
loop_
_entity.id
_entity.type
_entity.pdbx_description
1 polymer "RNA (5'-R(GGCACGAGGUUUAGCUACACUCGUGCC)-3')"
2 non-polymer 3-ammonio-3-deoxy-alpha-D-glucopyranose
3 non-polymer 2,6-diammonio-2,3,6-trideoxy-alpha-D-glucopyranose
4 non-polymer 1,3-DIAMINO-5,6-DIHYDROXYCYCLOHEXANE
#
_entity_poly.entity_id   1
_entity_poly.type   'polyribonucleotide'
_entity_poly.pdbx_seq_one_letter_code
;GGCACGAGGUUUAGCUACACUCGUGCC
;
_entity_poly.pdbx_strand_id   A
#
loop_
_chem_comp.id
_chem_comp.type
_chem_comp.name
_chem_comp.formula
A RNA linking ADENOSINE-5'-MONOPHOSPHATE 'C10 H14 N5 O7 P'
C RNA linking CYTIDINE-5'-MONOPHOSPHATE 'C9 H14 N3 O8 P'
G RNA linking GUANOSINE-5'-MONOPHOSPHATE 'C10 H14 N5 O8 P'
TOA D-saccharide, alpha linking 3-ammonio-3-deoxy-alpha-D-glucopyranose 'C6 H14 N O5 1'
TOB non-polymer 1,3-DIAMINO-5,6-DIHYDROXYCYCLOHEXANE 'C6 H16 N2 O2 2'
TOC D-saccharide, alpha linking 2,6-diammonio-2,3,6-trideoxy-alpha-D-glucopyranose 'C6 H16 N2 O3 2'
U RNA linking URIDINE-5'-MONOPHOSPHATE 'C9 H13 N2 O9 P'
#
# COMPACT_ATOMS: atom_id res chain seq x y z
C1 TOA B . 1.12 0.16 -2.44
C2 TOA B . 0.60 0.21 -3.87
C3 TOA B . 1.01 -1.05 -4.62
C4 TOA B . 2.53 -1.21 -4.54
C5 TOA B . 2.98 -1.22 -3.09
C6 TOA B . 4.49 -1.29 -2.95
O2 TOA B . -0.82 0.32 -3.86
N3 TOA B . 0.54 -1.02 -6.02
O4 TOA B . 2.92 -2.42 -5.18
O5 TOA B . 2.54 0.00 -2.43
O6 TOA B . 5.12 -0.20 -3.60
H1 TOA B . 0.77 1.05 -1.93
H2 TOA B . 1.04 1.09 -4.37
H3 TOA B . 0.55 -1.89 -4.10
H4 TOA B . 3.03 -0.35 -5.00
H5 TOA B . 2.52 -2.07 -2.57
H61 TOA B . 4.70 -1.26 -1.89
H62 TOA B . 4.85 -2.23 -3.38
HO2 TOA B . -1.11 1.21 -3.30
HN31 TOA B . -0.26 -1.69 -6.12
HN32 TOA B . 0.18 -0.08 -6.27
HN33 TOA B . 1.29 -1.30 -6.67
HO4 TOA B . 4.01 -2.52 -5.20
HO6 TOA B . 6.22 -0.28 -3.46
C1 TOC C . -0.58 1.38 3.09
C2 TOC C . 0.54 1.31 4.14
C3 TOC C . 0.04 0.64 5.41
C4 TOC C . -1.19 1.38 5.90
C5 TOC C . -2.25 1.42 4.80
C6 TOC C . -3.49 2.19 5.21
N2 TOC C . 1.74 0.64 3.59
N6 TOC C . -3.17 3.61 5.53
O1 TOC C . -0.97 0.10 2.73
O4 TOC C . -1.71 0.73 7.06
O5 TOC C . -1.72 2.06 3.63
H1 TOC C . -0.22 1.95 2.22
H2 TOC C . 0.82 2.32 4.43
H3 TOC C . -0.26 -0.35 5.16
H32 TOC C . 0.82 0.62 6.18
H4 TOC C . -0.88 2.39 6.15
H5 TOC C . -2.54 0.39 4.55
H61 TOC C . -4.22 2.19 4.39
H62 TOC C . -3.95 1.73 6.10
HN21 TOC C . 2.09 1.15 2.76
HN22 TOC C . 2.48 0.64 4.32
HN23 TOC C . 1.49 -0.34 3.33
HN61 TOC C . -2.45 3.64 6.28
HN62 TOC C . -2.81 4.08 4.67
HN63 TOC C . -4.03 4.10 5.86
HO4 TOC C . -0.96 0.72 7.85
C1 TOB D . -1.62 -1.71 -1.07
C2 TOB D . -2.82 -1.37 -0.21
C3 TOB D . -2.40 -1.20 1.25
C4 TOB D . -1.38 -0.08 1.36
C5 TOB D . -0.16 -0.39 0.49
C6 TOB D . -0.59 -0.60 -0.96
N1 TOB D . -2.01 -1.85 -2.50
N3 TOB D . -3.61 -0.95 2.09
O5 TOB D . 0.79 0.66 0.57
O6 TOB D . 0.56 -0.92 -1.77
H1 TOB D . -1.16 -2.66 -0.75
H21 TOB D . -3.15 -0.40 -0.62
H22 TOB D . -3.59 -2.15 -0.31
H3 TOB D . -1.96 -2.14 1.62
H41 TOB D . -1.84 0.83 0.98
H5 TOB D . 0.29 -1.33 0.84
H6 TOB D . -1.06 0.33 -1.31
HN11 TOB D . -2.39 -2.80 -2.65
HN12 TOB D . -2.70 -1.14 -2.79
HN13 TOB D . -1.16 -1.75 -3.08
HN31 TOB D . -4.24 -0.28 1.63
HN32 TOB D . -4.08 -1.87 2.24
HN33 TOB D . -3.31 -0.57 3.01
HO5 TOB D . 1.68 0.44 -0.04
C1 TOA B . 0.95 -0.29 -3.51
C2 TOA B . 1.19 -0.70 -4.95
C3 TOA B . 2.13 -1.89 -5.00
C4 TOA B . 3.42 -1.53 -4.29
C5 TOA B . 3.11 -1.09 -2.85
C6 TOA B . 4.34 -0.63 -2.09
O2 TOA B . -0.05 -1.03 -5.58
N3 TOA B . 2.36 -2.38 -6.38
O4 TOA B . 4.30 -2.65 -4.27
O5 TOA B . 2.19 0.03 -2.87
O6 TOA B . 3.99 -0.22 -0.77
H1 TOA B . 0.26 0.53 -3.43
H2 TOA B . 1.67 0.16 -5.46
H3 TOA B . 1.63 -2.70 -4.45
H4 TOA B . 3.88 -0.67 -4.81
H5 TOA B . 2.64 -1.92 -2.31
H61 TOA B . 5.07 -1.44 -2.03
H62 TOA B . 4.79 0.22 -2.63
HO2 TOA B . -0.76 -0.21 -5.51
HN31 TOA B . 1.43 -2.67 -6.75
HN32 TOA B . 2.75 -1.62 -6.98
HN33 TOA B . 3.01 -3.19 -6.35
HO4 TOA B . 5.24 -2.41 -3.75
HO6 TOA B . 4.89 0.21 -0.34
C1 TOC C . -0.20 1.72 1.71
C2 TOC C . 1.22 1.83 2.26
C3 TOC C . 1.27 1.29 3.69
C4 TOC C . 0.24 2.01 4.54
C5 TOC C . -1.15 1.89 3.90
C6 TOC C . -2.21 2.66 4.66
N2 TOC C . 2.22 1.14 1.42
N6 TOC C . -2.33 2.17 6.05
O1 TOC C . -0.59 0.39 1.65
O4 TOC C . 0.22 1.46 5.85
O5 TOC C . -1.12 2.42 2.55
H1 TOC C . -0.23 2.20 0.72
H2 TOC C . 1.50 2.88 2.33
H3 TOC C . 0.97 0.26 3.64
H32 TOC C . 2.27 1.37 4.12
H4 TOC C . 0.54 3.06 4.56
H5 TOC C . -1.43 0.83 3.85
H61 TOC C . -1.93 3.73 4.70
H62 TOC C . -3.18 2.55 4.17
HN21 TOC C . 3.16 1.55 1.62
HN22 TOC C . 2.25 0.13 1.62
HN23 TOC C . 1.98 1.27 0.41
HN61 TOC C . -1.39 1.88 6.40
HN62 TOC C . -2.72 2.92 6.67
HN63 TOC C . -2.97 1.34 6.08
HO4 TOC C . 1.22 1.55 6.31
C1 TOB D . -1.55 -2.18 -1.59
C2 TOB D . -2.66 -1.77 -0.64
C3 TOB D . -2.08 -1.26 0.67
C4 TOB D . -1.17 -0.06 0.40
C5 TOB D . -0.06 -0.42 -0.58
C6 TOB D . -0.67 -0.97 -1.89
N1 TOB D . -2.12 -2.70 -2.87
N3 TOB D . -3.17 -0.90 1.61
O5 TOB D . 0.73 0.72 -0.85
O6 TOB D . 0.37 -1.34 -2.80
H1 TOB D . -0.95 -2.98 -1.15
H21 TOB D . -3.18 -0.94 -1.17
H22 TOB D . -3.34 -2.62 -0.46
H3 TOB D . -1.48 -2.04 1.14
H41 TOB D . -1.79 0.74 -0.05
H5 TOB D . 0.58 -1.22 -0.17
H6 TOB D . -1.32 -0.21 -2.30
HN11 TOB D . -1.36 -2.85 -3.56
HN12 TOB D . -2.60 -3.59 -2.68
HN13 TOB D . -2.79 -2.02 -3.27
HN31 TOB D . -3.74 -0.13 1.21
HN32 TOB D . -3.77 -1.73 1.78
HN33 TOB D . -2.74 -0.60 2.51
HO5 TOB D . 1.59 0.49 -1.50
C1 TOA B . 1.44 -0.04 -2.45
C2 TOA B . 1.15 -0.03 -3.95
C3 TOA B . 1.68 -1.32 -4.57
C4 TOA B . 3.17 -1.44 -4.27
C5 TOA B . 3.39 -1.39 -2.76
C6 TOA B . 4.87 -1.43 -2.39
O2 TOA B . -0.24 0.08 -4.17
N3 TOA B . 1.41 -1.33 -6.03
O4 TOA B . 3.67 -2.65 -4.80
O5 TOA B . 2.85 -0.18 -2.20
O6 TOA B . 5.48 -2.62 -2.84
H1 TOA B . 1.00 0.87 -2.04
H2 TOA B . 1.68 0.82 -4.39
H3 TOA B . 1.15 -2.16 -4.10
H4 TOA B . 3.68 -0.57 -4.72
H5 TOA B . 2.88 -2.24 -2.28
H61 TOA B . 5.35 -0.57 -2.86
H62 TOA B . 4.98 -1.35 -1.30
HO2 TOA B . -0.54 1.06 -3.79
HN31 TOA B . 1.55 -0.36 -6.39
HN32 TOA B . 2.03 -2.00 -6.51
HN33 TOA B . 0.41 -1.58 -6.17
HO4 TOA B . 3.13 -3.52 -4.41
HO6 TOA B . 5.06 -3.46 -2.29
C1 TOC C . -0.66 1.80 2.58
C2 TOC C . 0.46 1.81 3.63
C3 TOC C . -0.07 1.29 4.95
C4 TOC C . -1.28 2.10 5.37
C5 TOC C . -2.34 2.09 4.26
C6 TOC C . -3.54 2.96 4.59
N2 TOC C . 1.65 1.05 3.20
N6 TOC C . -4.23 2.54 5.83
O1 TOC C . -1.10 0.51 2.36
O4 TOC C . -1.84 1.58 6.56
O5 TOC C . -1.77 2.58 3.03
H1 TOC C . -0.29 2.27 1.66
H2 TOC C . 0.77 2.84 3.81
H3 TOC C . -0.39 0.28 4.79
H32 TOC C . 0.70 1.31 5.73
H4 TOC C . -0.94 3.12 5.52
H5 TOC C . -2.68 1.06 4.10
H61 TOC C . -3.21 4.01 4.72
H62 TOC C . -4.27 2.92 3.77
HN21 TOC C . 1.38 0.06 3.02
HN22 TOC C . 2.04 1.48 2.34
HN23 TOC C . 2.34 1.10 3.96
HN61 TOC C . -4.98 3.23 6.06
HN62 TOC C . -4.65 1.60 5.71
HN63 TOC C . -3.54 2.51 6.60
HO4 TOC C . -2.10 0.51 6.43
C1 TOB D . -1.41 -1.88 -1.15
C2 TOB D . -2.70 -1.43 -0.47
C3 TOB D . -2.42 -1.00 0.97
C4 TOB D . -1.40 0.14 0.99
C5 TOB D . -0.12 -0.28 0.27
C6 TOB D . -0.44 -0.71 -1.15
N1 TOB D . -1.72 -2.32 -2.53
N3 TOB D . -3.69 -0.54 1.58
O5 TOB D . 0.80 0.80 0.26
O6 TOB D . 0.78 -1.09 -1.83
H1 TOB D . -0.98 -2.73 -0.62
H21 TOB D . -3.00 -0.55 -1.05
H22 TOB D . -3.45 -2.23 -0.48
H3 TOB D . -2.04 -1.85 1.56
H41 TOB D . -1.83 0.98 0.45
H5 TOB D . 0.32 -1.13 0.80
H6 TOB D . -0.90 0.13 -1.68
HN11 TOB D . -2.28 -3.19 -2.45
HN12 TOB D . -2.27 -1.59 -3.03
HN13 TOB D . -0.84 -2.52 -3.05
HN31 TOB D . -4.11 0.13 0.90
HN32 TOB D . -4.33 -1.35 1.72
HN33 TOB D . -3.51 -0.06 2.48
HO5 TOB D . 0.38 1.68 -0.25
C1 TOA B . 0.05 -0.01 -2.92
C2 TOA B . 0.38 -0.41 -4.35
C3 TOA B . 1.30 -1.63 -4.34
C4 TOA B . 2.55 -1.29 -3.52
C5 TOA B . 2.14 -0.86 -2.12
C6 TOA B . 3.31 -0.45 -1.25
O2 TOA B . -0.82 -0.74 -5.04
N3 TOA B . 1.64 -2.07 -5.70
O4 TOA B . 3.39 -2.44 -3.46
O5 TOA B . 1.25 0.28 -2.19
O6 TOA B . 2.87 -0.01 0.03
H1 TOA B . -0.63 0.83 -2.84
H2 TOA B . 0.89 0.43 -4.84
H3 TOA B . 0.76 -2.43 -3.83
H4 TOA B . 3.06 -0.44 -4.01
H5 TOA B . 1.61 -1.69 -1.63
H61 TOA B . 4.02 -1.27 -1.13
H62 TOA B . 3.83 0.37 -1.75
HO2 TOA B . -1.49 0.13 -5.03
HN31 TOA B . 1.92 -1.26 -6.28
HN32 TOA B . 2.42 -2.76 -5.66
HN33 TOA B . 0.81 -2.52 -6.13
HO4 TOA B . 4.31 -2.27 -2.88
HO6 TOA B . 3.72 0.38 0.60
C1 TOC C . -0.85 1.66 2.50
C2 TOC C . 0.34 1.67 3.45
C3 TOC C . -0.11 1.22 4.84
C4 TOC C . -1.25 2.09 5.32
C5 TOC C . -2.39 2.06 4.30
C6 TOC C . -3.54 2.99 4.67
N2 TOC C . 1.44 0.82 2.97
N6 TOC C . -4.13 2.65 5.98
O1 TOC C . -1.35 0.38 2.34
O4 TOC C . -1.72 1.64 6.58
O5 TOC C . -1.91 2.49 3.00
H1 TOC C . -0.53 2.10 1.54
H2 TOC C . 0.69 2.69 3.58
H3 TOC C . -0.48 0.22 4.74
H32 TOC C . 0.73 1.24 5.55
H4 TOC C . -0.86 3.10 5.39
H5 TOC C . -2.76 1.03 4.20
H61 TOC C . -3.17 4.02 4.72
H62 TOC C . -4.33 2.92 3.91
HN21 TOC C . 1.11 -0.17 3.00
HN22 TOC C . 1.73 1.03 1.99
HN23 TOC C . 2.26 0.92 3.59
HN61 TOC C . -4.60 1.72 5.96
HN62 TOC C . -3.37 2.64 6.71
HN63 TOC C . -4.84 3.38 6.24
HO4 TOC C . -2.05 0.59 6.50
C1 TOB D . -2.61 -1.77 -1.13
C2 TOB D . -3.64 -1.37 -0.08
C3 TOB D . -2.96 -1.09 1.26
C4 TOB D . -1.99 0.08 1.08
C5 TOB D . -0.94 -0.26 0.02
C6 TOB D . -1.61 -0.63 -1.31
N1 TOB D . -3.31 -2.02 -2.41
N3 TOB D . -4.00 -0.87 2.29
O5 TOB D . -0.07 0.85 -0.16
O6 TOB D . -0.62 -1.03 -2.27
H1 TOB D . -2.08 -2.68 -0.82
H21 TOB D . -4.08 -0.45 -0.48
H22 TOB D . -4.38 -2.19 0.03
H3 TOB D . -2.40 -1.98 1.59
H41 TOB D . -2.57 0.96 0.74
H5 TOB D . -0.36 -1.13 0.32
H6 TOB D . -2.17 0.24 -1.66
HN11 TOB D . -2.73 -2.61 -3.05
HN12 TOB D . -4.22 -2.50 -2.23
HN13 TOB D . -3.52 -1.12 -2.88
HN31 TOB D . -4.68 -0.16 1.97
HN32 TOB D . -4.46 -1.79 2.44
HN33 TOB D . -3.56 -0.57 3.18
HO5 TOB D . 0.75 0.63 -0.85
C1 TOA B . 1.35 -0.11 -3.38
C2 TOA B . 0.88 -0.16 -4.84
C3 TOA B . 1.21 -1.52 -5.43
C4 TOA B . 2.70 -1.81 -5.27
C5 TOA B . 3.09 -1.69 -3.80
C6 TOA B . 4.58 -1.90 -3.59
O2 TOA B . -0.52 0.08 -4.91
N3 TOA B . 0.81 -1.61 -6.85
O4 TOA B . 2.99 -3.11 -5.76
O5 TOA B . 2.75 -0.38 -3.31
O6 TOA B . 5.33 -1.01 -4.38
H1 TOA B . 1.06 0.87 -3.00
H2 TOA B . 1.43 0.61 -5.39
H3 TOA B . 0.65 -2.27 -4.85
H4 TOA B . 3.29 -1.04 -5.78
H5 TOA B . 2.53 -2.42 -3.19
H61 TOA B . 4.78 -1.76 -2.54
H62 TOA B . 4.84 -2.94 -3.87
HO2 TOA B . -0.75 1.08 -4.52
HN31 TOA B . 0.98 -0.71 -7.35
HN32 TOA B . 1.33 -2.39 -7.32
HN33 TOA B . -0.20 -1.83 -6.88
HO4 TOA B . 4.07 -3.34 -5.70
HO6 TOA B . 6.41 -1.24 -4.25
C1 TOC C . -0.14 2.05 1.88
C2 TOC C . 1.25 2.08 2.54
C3 TOC C . 1.17 1.47 3.92
C4 TOC C . 0.12 2.19 4.74
C5 TOC C . -1.22 2.16 4.01
C6 TOC C . -2.30 2.93 4.75
N2 TOC C . 2.30 1.42 1.73
N6 TOC C . -2.52 2.39 6.11
O1 TOC C . -0.58 0.75 1.71
O4 TOC C . 0.00 1.58 6.02
O5 TOC C . -1.09 2.74 2.70
H1 TOC C . -0.08 2.59 0.92
H2 TOC C . 1.53 3.11 2.68
H3 TOC C . 0.85 0.45 3.80
H32 TOC C . 2.16 1.51 4.41
H4 TOC C . 0.46 3.22 4.83
H5 TOC C . -1.54 1.11 3.90
H61 TOC C . -2.00 3.98 4.85
H62 TOC C . -3.25 2.88 4.20
HN21 TOC C . 2.21 1.70 0.74
HN22 TOC C . 3.23 1.71 2.09
HN23 TOC C . 2.20 0.38 1.79
HN61 TOC C . -3.06 3.07 6.68
HN62 TOC C . -3.07 1.50 6.06
HN63 TOC C . -1.60 2.21 6.55
HO4 TOC C . 0.98 1.61 6.52
C1 TOB D . -1.48 -1.64 -1.70
C2 TOB D . -2.63 -1.08 -0.87
C3 TOB D . -2.16 -0.65 0.51
C4 TOB D . -1.06 0.40 0.40
C5 TOB D . 0.10 -0.14 -0.44
C6 TOB D . -0.41 -0.57 -1.82
N1 TOB D . -1.98 -2.02 -3.04
N3 TOB D . -3.35 -0.14 1.26
O5 TOB D . 1.10 0.86 -0.59
O6 TOB D . 0.68 -1.07 -2.63
H1 TOB D . -1.07 -2.53 -1.21
H21 TOB D . -2.91 -0.19 -1.45
H22 TOB D . -3.45 -1.81 -0.80
H3 TOB D . -1.78 -1.52 1.05
H41 TOB D . -1.47 1.27 -0.12
H5 TOB D . 0.54 -1.02 0.06
H6 TOB D . -0.88 0.29 -2.30
HN11 TOB D . -1.18 -2.07 -3.69
HN12 TOB D . -2.41 -2.97 -2.97
HN13 TOB D . -2.67 -1.35 -3.40
HN31 TOB D . -4.18 -0.68 0.92
HN32 TOB D . -3.21 -0.30 2.27
HN33 TOB D . -3.48 0.87 1.07
HO5 TOB D . 1.95 0.48 -1.16
C1 TOA B . 0.96 -0.38 -3.31
C2 TOA B . 0.77 -0.64 -4.81
C3 TOA B . 1.37 -1.99 -5.18
C4 TOA B . 2.83 -2.03 -4.76
C5 TOA B . 2.93 -1.74 -3.26
C6 TOA B . 4.35 -1.73 -2.76
O2 TOA B . -0.61 -0.62 -5.12
N3 TOA B . 1.20 -2.32 -6.62
O4 TOA B . 3.38 -3.30 -5.05
O5 TOA B . 2.35 -0.46 -2.96
O6 TOA B . 4.40 -1.47 -1.36
H1 TOA B . 0.53 0.58 -3.03
H2 TOA B . 1.30 0.14 -5.37
H3 TOA B . 0.82 -2.73 -4.59
H4 TOA B . 3.37 -1.23 -5.31
H5 TOA B . 2.37 -2.52 -2.72
H61 TOA B . 4.82 -2.70 -2.94
H62 TOA B . 4.90 -0.96 -3.30
HO2 TOA B . -1.06 0.35 -4.83
HN31 TOA B . 1.76 -3.19 -6.81
HN32 TOA B . 0.21 -2.54 -6.79
HN33 TOA B . 1.52 -1.57 -7.26
HO4 TOA B . 4.45 -3.33 -4.82
HO6 TOA B . 5.45 -1.53 -1.04
C1 TOC C . 0.88 1.51 2.09
C2 TOC C . 1.96 1.49 3.17
C3 TOC C . 1.35 1.28 4.54
C4 TOC C . 0.29 2.35 4.78
C5 TOC C . -0.75 2.33 3.67
C6 TOC C . -1.78 3.43 3.81
N2 TOC C . 3.02 0.50 2.88
N6 TOC C . -2.50 3.38 5.11
O1 TOC C . 0.24 0.28 2.04
O4 TOC C . -0.34 2.14 6.03
O5 TOC C . -0.10 2.52 2.38
H1 TOC C . 1.34 1.78 1.14
H2 TOC C . 2.43 2.48 3.22
H3 TOC C . 0.84 0.34 4.53
H32 TOC C . 2.11 1.30 5.33
H4 TOC C . 0.81 3.31 4.78
H5 TOC C . -1.25 1.36 3.67
H61 TOC C . -1.27 4.40 3.76
H62 TOC C . -2.52 3.38 2.99
HN21 TOC C . 2.61 -0.45 2.89
HN22 TOC C . 3.45 0.69 1.95
HN23 TOC C . 3.74 0.60 3.62
HN61 TOC C . -3.17 2.57 5.12
HN62 TOC C . -1.80 3.25 5.86
HN63 TOC C . -3.02 4.26 5.25
HO4 TOC C . -0.80 1.13 6.07
C1 TOB D . -1.67 -1.78 -1.19
C2 TOB D . -2.52 -1.22 -0.07
C3 TOB D . -1.66 -0.98 1.18
C4 TOB D . -0.56 0.03 0.86
C5 TOB D . 0.32 -0.52 -0.27
C6 TOB D . -0.54 -0.80 -1.50
N1 TOB D . -2.47 -1.90 -2.43
N3 TOB D . -2.52 -0.53 2.31
O5 TOB D . 1.33 0.43 -0.59
O6 TOB D . 0.28 -1.32 -2.57
H1 TOB D . -1.25 -2.75 -0.90
H21 TOB D . -2.88 -0.25 -0.44
H22 TOB D . -3.35 -1.90 0.16
H3 TOB D . -1.21 -1.92 1.51
H41 TOB D . -1.04 0.95 0.52
H5 TOB D . 0.80 -1.45 0.04
H6 TOB D . -1.02 0.13 -1.79
HN11 TOB D . -2.00 -2.49 -3.14
HN12 TOB D . -3.43 -2.29 -2.28
HN13 TOB D . -2.59 -0.96 -2.84
HN31 TOB D . -3.20 -1.28 2.53
HN32 TOB D . -1.89 -0.37 3.14
HN33 TOB D . -3.02 0.35 2.06
HO5 TOB D . 2.03 0.03 -1.33
C1 TOA B . 0.90 -0.03 -3.08
C2 TOA B . 0.66 -0.24 -4.57
C3 TOA B . 1.36 -1.52 -5.02
C4 TOA B . 2.83 -1.45 -4.66
C5 TOA B . 2.99 -1.20 -3.16
C6 TOA B . 4.44 -1.06 -2.75
O2 TOA B . -0.73 -0.35 -4.83
N3 TOA B . 1.18 -1.74 -6.47
O4 TOA B . 3.47 -2.66 -5.02
O5 TOA B . 2.31 0.02 -2.79
O6 TOA B . 5.18 -2.22 -3.05
H1 TOA B . 0.39 0.87 -2.77
H2 TOA B . 1.10 0.60 -5.13
H3 TOA B . 0.90 -2.34 -4.45
H4 TOA B . 3.28 -0.59 -5.20
H5 TOA B . 2.55 -2.04 -2.61
H61 TOA B . 4.86 -0.20 -3.29
H62 TOA B . 4.49 -0.86 -1.66
HO2 TOA B . -1.24 0.60 -4.58
HN31 TOA B . 1.85 -2.48 -6.78
HN32 TOA B . 0.21 -2.06 -6.67
HN33 TOA B . 1.36 -0.86 -6.98
HO4 TOA B . 4.53 -2.63 -4.72
HO6 TOA B . 6.25 -2.09 -2.80
C1 TOC C . 0.69 1.80 2.33
C2 TOC C . 1.68 1.90 3.49
C3 TOC C . 0.97 1.67 4.81
C4 TOC C . -0.18 2.66 4.94
C5 TOC C . -1.11 2.53 3.74
C6 TOC C . -2.25 3.53 3.78
N2 TOC C . 2.84 0.99 3.32
N6 TOC C . -1.73 4.93 3.76
O1 TOC C . 0.15 0.52 2.28
O4 TOC C . -0.89 2.42 6.14
O5 TOC C . -0.39 2.74 2.51
H1 TOC C . 1.21 2.07 1.41
H2 TOC C . 2.07 2.91 3.54
H3 TOC C . 0.54 0.68 4.79
H32 TOC C . 1.67 1.76 5.65
H4 TOC C . 0.27 3.65 4.95
H5 TOC C . -1.54 1.51 3.74
H61 TOC C . -2.90 3.40 2.90
H62 TOC C . -2.85 3.40 4.69
HN21 TOC C . 3.43 1.34 2.53
HN22 TOC C . 3.41 1.04 4.19
HN23 TOC C . 2.53 0.03 3.12
HN61 TOC C . -1.13 5.08 4.60
HN62 TOC C . -1.15 5.07 2.91
HN63 TOC C . -2.52 5.59 3.77
HO4 TOC C . -0.20 2.52 7.00
C1 TOB D . -1.51 -1.75 -0.93
C2 TOB D . -2.43 -1.29 0.18
C3 TOB D . -1.62 -0.92 1.43
C4 TOB D . -0.63 0.19 1.09
C5 TOB D . 0.31 -0.25 -0.04
C6 TOB D . -0.52 -0.64 -1.27
N1 TOB D . -2.28 -2.05 -2.18
N3 TOB D . -2.53 -0.52 2.52
O5 TOB D . 1.20 0.80 -0.37
O6 TOB D . 0.34 -1.06 -2.35
H1 TOB D . -0.97 -2.66 -0.63
H21 TOB D . -2.92 -0.39 -0.23
H22 TOB D . -3.17 -2.06 0.41
H3 TOB D . -1.08 -1.80 1.78
H41 TOB D . -1.20 1.06 0.76
H5 TOB D . 0.88 -1.13 0.27
H6 TOB D . -1.13 0.22 -1.57
HN11 TOB D . -1.66 -2.44 -2.91
HN12 TOB D . -3.03 -2.74 -1.99
HN13 TOB D . -2.72 -1.17 -2.53
HN31 TOB D . -3.00 0.39 2.30
HN32 TOB D . -3.25 -1.25 2.67
HN33 TOB D . -1.95 -0.43 3.39
HO5 TOB D . 1.93 0.50 -1.13
#